data_2O1E
#
_entry.id   2O1E
#
_cell.length_a   45.292
_cell.length_b   54.344
_cell.length_c   62.840
_cell.angle_alpha   103.70
_cell.angle_beta   100.46
_cell.angle_gamma   96.75
#
_symmetry.space_group_name_H-M   'P 1'
#
loop_
_entity.id
_entity.type
_entity.pdbx_description
1 polymer YcdH
2 non-polymer 'MANGANESE (II) ION'
3 water water
#
_entity_poly.entity_id   1
_entity_poly.type   'polypeptide(L)'
_entity_poly.pdbx_seq_one_letter_code
;(MSE)AGDP(MSE)GNSSTKGSADSKGDKLHVVTTFYP(MSE)YEFTKQIVKDKGDVDLLIPSSVEPHDWEPTPKDIANI
QDADLFVYNSEY(MSE)ETWVPSAEKS(MSE)GQGHAVFVNASKGIDL(MSE)EGSEEEHEEHDHGEHEHSHA(MSE)DP
HVWLSPVLAQKEVKNITAQIVKQDPDNKEYYEKNSKEYIAKLQDLDKLYRTTAKKAEKKEFITQHTAFGYLAKEYGLKQV
PIAGLSPDQEPSAASLAKLKTYAKEHNVKVIYFEEIASSKVADTLASEIGAKTEVLNTLEGLSKEEQDKGLGYIDI
(MSE)KQNLDALKDSLLVKSLEHHHHHH
;
_entity_poly.pdbx_strand_id   A,B
#
# COMPACT_ATOMS: atom_id res chain seq x y z
N LYS A 21 31.98 -3.16 -14.63
CA LYS A 21 32.37 -2.72 -16.00
C LYS A 21 31.31 -3.10 -17.05
N LEU A 22 30.80 -4.33 -16.98
CA LEU A 22 29.77 -4.81 -17.93
C LEU A 22 28.54 -3.90 -17.91
N HIS A 23 28.19 -3.37 -19.08
CA HIS A 23 27.03 -2.48 -19.19
C HIS A 23 25.85 -3.20 -19.83
N VAL A 24 24.73 -3.23 -19.10
CA VAL A 24 23.52 -3.88 -19.58
C VAL A 24 22.34 -2.93 -19.38
N VAL A 25 21.50 -2.82 -20.41
CA VAL A 25 20.34 -1.94 -20.37
C VAL A 25 19.09 -2.80 -20.41
N THR A 26 18.12 -2.46 -19.59
CA THR A 26 16.91 -3.24 -19.50
C THR A 26 15.67 -2.38 -19.71
N THR A 27 14.58 -3.05 -20.05
CA THR A 27 13.29 -2.42 -20.31
C THR A 27 12.60 -1.91 -19.03
N PHE A 28 11.69 -2.72 -18.46
CA PHE A 28 10.99 -2.34 -17.24
C PHE A 28 11.52 -3.11 -16.01
N TYR A 29 11.10 -2.68 -14.82
CA TYR A 29 11.56 -3.22 -13.55
C TYR A 29 11.96 -4.70 -13.38
N PRO A 30 11.02 -5.63 -13.58
CA PRO A 30 11.33 -7.04 -13.43
C PRO A 30 12.55 -7.47 -14.27
N TYR A 32 15.03 -5.56 -14.99
CA TYR A 32 16.14 -4.88 -14.33
C TYR A 32 16.66 -5.67 -13.13
N GLU A 33 15.74 -6.07 -12.27
CA GLU A 33 16.13 -6.80 -11.08
C GLU A 33 16.75 -8.14 -11.40
N PHE A 34 16.10 -8.92 -12.26
CA PHE A 34 16.64 -10.23 -12.63
C PHE A 34 18.09 -10.06 -13.07
N THR A 35 18.31 -9.17 -14.03
CA THR A 35 19.65 -8.93 -14.51
C THR A 35 20.61 -8.57 -13.36
N LYS A 36 20.33 -7.47 -12.68
CA LYS A 36 21.17 -6.99 -11.58
C LYS A 36 21.39 -8.05 -10.52
N GLN A 37 20.36 -8.84 -10.28
CA GLN A 37 20.43 -9.89 -9.30
C GLN A 37 21.54 -10.88 -9.62
N ILE A 38 21.81 -11.10 -10.91
CA ILE A 38 22.87 -12.03 -11.29
C ILE A 38 24.17 -11.27 -11.52
N VAL A 39 24.08 -10.03 -11.99
CA VAL A 39 25.28 -9.25 -12.26
C VAL A 39 25.86 -8.56 -11.05
N LYS A 40 24.98 -7.99 -10.24
CA LYS A 40 25.36 -7.26 -9.02
C LYS A 40 26.38 -6.17 -9.25
N ASP A 41 27.47 -6.23 -8.50
CA ASP A 41 28.52 -5.21 -8.59
C ASP A 41 29.45 -5.33 -9.80
N LYS A 42 29.41 -6.48 -10.46
CA LYS A 42 30.26 -6.71 -11.62
C LYS A 42 29.78 -6.03 -12.91
N GLY A 43 28.68 -5.28 -12.84
CA GLY A 43 28.19 -4.62 -14.03
C GLY A 43 27.23 -3.48 -13.79
N ASP A 44 27.20 -2.51 -14.70
CA ASP A 44 26.31 -1.37 -14.58
C ASP A 44 25.02 -1.68 -15.32
N VAL A 45 23.92 -1.69 -14.59
CA VAL A 45 22.63 -2.00 -15.19
C VAL A 45 21.68 -0.86 -14.95
N ASP A 46 20.89 -0.52 -15.95
CA ASP A 46 19.93 0.55 -15.77
C ASP A 46 18.59 0.14 -16.39
N LEU A 47 17.54 0.91 -16.15
CA LEU A 47 16.25 0.58 -16.73
C LEU A 47 15.75 1.76 -17.56
N LEU A 48 15.39 1.47 -18.80
CA LEU A 48 14.90 2.48 -19.71
C LEU A 48 13.57 3.07 -19.27
N ILE A 49 12.66 2.19 -18.88
CA ILE A 49 11.34 2.62 -18.44
C ILE A 49 11.38 2.83 -16.94
N PRO A 50 11.31 4.10 -16.49
CA PRO A 50 11.33 4.38 -15.05
C PRO A 50 10.17 3.70 -14.35
N SER A 51 10.47 3.03 -13.26
CA SER A 51 9.47 2.30 -12.48
C SER A 51 8.41 3.25 -11.94
N SER A 52 7.49 3.65 -12.81
CA SER A 52 6.40 4.55 -12.44
C SER A 52 5.68 5.01 -13.71
N VAL A 53 5.92 4.29 -14.81
CA VAL A 53 5.28 4.59 -16.08
C VAL A 53 4.93 3.33 -16.86
N GLU A 54 3.71 3.27 -17.38
CA GLU A 54 3.22 2.12 -18.13
C GLU A 54 4.22 1.61 -19.17
N PRO A 55 4.78 0.40 -18.95
CA PRO A 55 5.76 -0.15 -19.90
C PRO A 55 5.11 -0.62 -21.21
N HIS A 56 3.92 -1.20 -21.10
CA HIS A 56 3.20 -1.71 -22.26
C HIS A 56 3.17 -0.74 -23.43
N ASP A 57 2.88 0.53 -23.14
CA ASP A 57 2.81 1.54 -24.19
C ASP A 57 4.07 2.37 -24.35
N TRP A 58 4.92 2.36 -23.33
CA TRP A 58 6.17 3.12 -23.39
C TRP A 58 6.83 3.01 -24.75
N GLU A 59 7.32 4.14 -25.24
CA GLU A 59 7.97 4.15 -26.53
C GLU A 59 9.32 4.82 -26.31
N PRO A 60 10.38 4.28 -26.92
CA PRO A 60 11.74 4.81 -26.81
C PRO A 60 11.98 6.11 -27.57
N THR A 61 12.96 6.87 -27.09
CA THR A 61 13.31 8.13 -27.72
C THR A 61 14.66 7.91 -28.38
N PRO A 62 15.08 8.85 -29.24
CA PRO A 62 16.39 8.68 -29.89
C PRO A 62 17.49 8.47 -28.86
N LYS A 63 17.37 9.18 -27.74
CA LYS A 63 18.33 9.08 -26.65
C LYS A 63 18.41 7.65 -26.11
N ASP A 64 17.24 7.08 -25.85
CA ASP A 64 17.15 5.72 -25.33
C ASP A 64 17.74 4.75 -26.34
N ILE A 65 17.37 4.94 -27.61
CA ILE A 65 17.86 4.07 -28.66
C ILE A 65 19.38 4.08 -28.69
N ALA A 66 19.94 5.25 -28.45
CA ALA A 66 21.39 5.40 -28.42
C ALA A 66 22.00 4.60 -27.28
N ASN A 67 21.45 4.81 -26.08
CA ASN A 67 21.95 4.10 -24.91
C ASN A 67 21.86 2.58 -25.09
N ILE A 68 20.88 2.11 -25.86
CA ILE A 68 20.76 0.69 -26.09
C ILE A 68 21.96 0.16 -26.86
N GLN A 69 22.26 0.74 -28.02
CA GLN A 69 23.42 0.28 -28.79
C GLN A 69 24.70 0.67 -28.08
N ASP A 70 24.54 1.54 -27.09
CA ASP A 70 25.67 2.02 -26.31
C ASP A 70 26.11 0.96 -25.29
N ALA A 71 25.16 0.17 -24.80
CA ALA A 71 25.43 -0.88 -23.81
C ALA A 71 25.98 -2.18 -24.42
N ASP A 72 26.44 -3.09 -23.55
CA ASP A 72 26.98 -4.37 -24.00
C ASP A 72 25.86 -5.32 -24.38
N LEU A 73 24.75 -5.26 -23.63
CA LEU A 73 23.59 -6.10 -23.89
C LEU A 73 22.31 -5.35 -23.56
N PHE A 74 21.25 -5.70 -24.28
CA PHE A 74 19.95 -5.10 -24.08
C PHE A 74 19.06 -6.27 -23.70
N VAL A 75 18.34 -6.14 -22.59
CA VAL A 75 17.48 -7.20 -22.09
C VAL A 75 16.04 -6.75 -22.11
N TYR A 76 15.16 -7.56 -22.68
CA TYR A 76 13.75 -7.20 -22.70
C TYR A 76 12.95 -8.45 -22.38
N ASN A 77 11.66 -8.29 -22.13
CA ASN A 77 10.86 -9.43 -21.75
C ASN A 77 10.28 -10.25 -22.86
N SER A 78 9.57 -9.58 -23.75
CA SER A 78 8.95 -10.28 -24.86
C SER A 78 8.58 -9.28 -25.92
N GLU A 79 8.62 -9.74 -27.15
CA GLU A 79 8.29 -8.88 -28.28
C GLU A 79 6.81 -8.50 -28.20
N TYR A 80 6.05 -9.22 -27.40
CA TYR A 80 4.62 -8.94 -27.22
C TYR A 80 4.42 -7.98 -26.05
N GLU A 82 7.40 -5.48 -24.89
CA GLU A 82 8.01 -4.25 -25.41
C GLU A 82 7.92 -4.33 -26.94
N THR A 83 6.73 -4.12 -27.49
CA THR A 83 6.54 -4.24 -28.93
C THR A 83 7.40 -3.34 -29.82
N TRP A 84 8.26 -2.52 -29.23
CA TRP A 84 9.11 -1.64 -30.02
C TRP A 84 10.51 -2.23 -30.23
N VAL A 85 10.80 -3.34 -29.55
CA VAL A 85 12.10 -3.96 -29.65
C VAL A 85 12.48 -4.47 -31.03
N PRO A 86 11.65 -5.33 -31.63
CA PRO A 86 11.98 -5.85 -32.97
C PRO A 86 12.38 -4.75 -33.96
N SER A 87 11.66 -3.63 -33.90
CA SER A 87 11.95 -2.49 -34.76
C SER A 87 13.29 -1.85 -34.39
N ALA A 88 13.60 -1.86 -33.10
CA ALA A 88 14.84 -1.27 -32.61
C ALA A 88 16.06 -2.09 -33.01
N GLU A 89 15.94 -3.41 -32.90
CA GLU A 89 17.05 -4.29 -33.25
C GLU A 89 17.41 -4.16 -34.72
N LYS A 90 16.38 -4.18 -35.57
CA LYS A 90 16.57 -4.05 -37.01
C LYS A 90 17.29 -2.73 -37.29
N SER A 91 16.69 -1.61 -36.88
CA SER A 91 17.28 -0.29 -37.10
C SER A 91 18.44 -0.04 -36.15
N GLY A 93 21.63 -2.91 -35.71
CA GLY A 93 22.70 -3.79 -36.15
C GLY A 93 23.07 -4.85 -35.13
N GLN A 94 24.24 -5.47 -35.35
CA GLN A 94 24.73 -6.52 -34.46
C GLN A 94 26.02 -6.13 -33.76
N GLY A 95 26.85 -5.35 -34.45
CA GLY A 95 28.12 -4.91 -33.86
C GLY A 95 27.95 -4.18 -32.54
N HIS A 96 26.75 -3.64 -32.33
CA HIS A 96 26.42 -2.90 -31.11
C HIS A 96 25.98 -3.86 -30.01
N ALA A 97 25.06 -3.41 -29.16
CA ALA A 97 24.55 -4.21 -28.04
C ALA A 97 23.86 -5.47 -28.55
N VAL A 98 24.07 -6.59 -27.85
CA VAL A 98 23.47 -7.85 -28.24
C VAL A 98 22.14 -8.04 -27.53
N PHE A 99 21.05 -7.99 -28.31
CA PHE A 99 19.72 -8.16 -27.77
C PHE A 99 19.54 -9.52 -27.10
N VAL A 100 18.69 -9.59 -26.08
CA VAL A 100 18.44 -10.84 -25.38
C VAL A 100 17.09 -10.80 -24.68
N ASN A 101 16.18 -11.66 -25.11
CA ASN A 101 14.87 -11.69 -24.47
C ASN A 101 14.84 -12.86 -23.54
N ALA A 102 14.34 -12.58 -22.33
CA ALA A 102 14.26 -13.55 -21.27
C ALA A 102 13.17 -14.57 -21.50
N SER A 103 12.13 -14.20 -22.24
CA SER A 103 11.01 -15.11 -22.48
C SER A 103 11.34 -16.15 -23.53
N LYS A 104 12.59 -16.21 -23.94
CA LYS A 104 13.01 -17.17 -24.95
C LYS A 104 13.02 -18.59 -24.37
N GLY A 105 12.18 -19.45 -24.93
CA GLY A 105 12.10 -20.82 -24.46
C GLY A 105 10.78 -21.10 -23.75
N ILE A 106 10.09 -20.03 -23.38
CA ILE A 106 8.80 -20.14 -22.69
C ILE A 106 7.73 -20.33 -23.76
N ASP A 107 6.99 -21.42 -23.64
CA ASP A 107 5.94 -21.73 -24.60
C ASP A 107 4.84 -20.68 -24.67
N LEU A 108 5.05 -19.53 -24.04
CA LEU A 108 4.03 -18.50 -24.05
C LEU A 108 2.70 -19.06 -23.60
N GLU A 110 -2.01 -18.45 -24.28
CA GLU A 110 -3.14 -17.79 -24.93
C GLU A 110 -3.32 -16.34 -24.48
N GLY A 111 -2.94 -15.40 -25.34
CA GLY A 111 -3.06 -14.00 -24.99
C GLY A 111 -4.52 -13.55 -24.92
N HIS A 128 -2.94 -14.92 -31.98
CA HIS A 128 -1.94 -13.93 -32.35
C HIS A 128 -1.33 -13.20 -31.14
N ALA A 129 -2.02 -12.17 -30.64
CA ALA A 129 -1.53 -11.42 -29.48
C ALA A 129 -1.31 -12.38 -28.31
N ASP A 131 0.27 -13.61 -24.50
CA ASP A 131 0.31 -13.00 -23.19
C ASP A 131 1.77 -12.98 -22.71
N PRO A 132 2.36 -11.77 -22.55
CA PRO A 132 3.75 -11.60 -22.12
C PRO A 132 4.03 -11.56 -20.61
N HIS A 133 3.00 -11.67 -19.78
CA HIS A 133 3.19 -11.59 -18.34
C HIS A 133 3.75 -12.85 -17.69
N VAL A 134 4.75 -13.46 -18.34
CA VAL A 134 5.35 -14.68 -17.84
C VAL A 134 6.14 -14.50 -16.56
N TRP A 135 6.72 -13.33 -16.38
CA TRP A 135 7.50 -13.08 -15.19
C TRP A 135 6.63 -13.10 -13.95
N LEU A 136 5.30 -13.13 -14.13
CA LEU A 136 4.42 -13.18 -12.94
C LEU A 136 4.23 -14.63 -12.47
N SER A 137 5.20 -15.48 -12.81
CA SER A 137 5.22 -16.88 -12.43
C SER A 137 6.60 -17.10 -11.87
N PRO A 138 6.68 -17.52 -10.61
CA PRO A 138 8.02 -17.74 -10.05
C PRO A 138 8.82 -18.80 -10.80
N VAL A 139 8.14 -19.66 -11.55
CA VAL A 139 8.83 -20.72 -12.29
C VAL A 139 9.39 -20.08 -13.57
N LEU A 140 8.51 -19.61 -14.44
CA LEU A 140 8.93 -18.95 -15.68
C LEU A 140 9.99 -17.92 -15.33
N ALA A 141 9.85 -17.28 -14.18
CA ALA A 141 10.82 -16.27 -13.73
C ALA A 141 12.23 -16.88 -13.71
N GLN A 142 12.36 -18.04 -13.08
CA GLN A 142 13.63 -18.74 -13.00
C GLN A 142 14.18 -18.90 -14.42
N LYS A 143 13.35 -19.41 -15.31
CA LYS A 143 13.76 -19.57 -16.69
C LYS A 143 14.40 -18.29 -17.22
N GLU A 144 13.69 -17.17 -17.09
CA GLU A 144 14.22 -15.90 -17.58
C GLU A 144 15.59 -15.61 -16.95
N VAL A 145 15.71 -15.88 -15.66
CA VAL A 145 16.98 -15.63 -14.99
C VAL A 145 18.03 -16.47 -15.67
N LYS A 146 17.68 -17.69 -16.06
CA LYS A 146 18.65 -18.55 -16.78
C LYS A 146 19.00 -17.90 -18.14
N ASN A 147 17.96 -17.65 -18.94
CA ASN A 147 18.16 -17.04 -20.25
C ASN A 147 19.01 -15.78 -20.20
N ILE A 148 18.92 -15.05 -19.10
CA ILE A 148 19.71 -13.83 -19.00
C ILE A 148 21.15 -14.20 -18.59
N THR A 149 21.30 -15.06 -17.60
CA THR A 149 22.63 -15.46 -17.15
C THR A 149 23.47 -15.91 -18.34
N ALA A 150 22.86 -16.66 -19.26
CA ALA A 150 23.52 -17.16 -20.46
C ALA A 150 24.24 -16.04 -21.17
N GLN A 151 23.48 -15.09 -21.72
CA GLN A 151 24.08 -13.96 -22.42
C GLN A 151 25.06 -13.17 -21.57
N ILE A 152 24.84 -13.15 -20.26
CA ILE A 152 25.74 -12.40 -19.37
C ILE A 152 27.11 -13.07 -19.30
N VAL A 153 27.13 -14.39 -19.07
CA VAL A 153 28.38 -15.14 -18.97
C VAL A 153 29.11 -15.13 -20.31
N LYS A 154 28.32 -15.17 -21.39
CA LYS A 154 28.90 -15.16 -22.71
C LYS A 154 29.65 -13.85 -22.89
N GLN A 155 28.92 -12.75 -22.82
CA GLN A 155 29.51 -11.43 -22.99
C GLN A 155 30.76 -11.19 -22.13
N ASP A 156 30.74 -11.69 -20.90
CA ASP A 156 31.86 -11.51 -19.98
C ASP A 156 32.28 -12.83 -19.34
N PRO A 157 32.82 -13.75 -20.15
CA PRO A 157 33.28 -15.08 -19.74
C PRO A 157 34.29 -15.13 -18.60
N ASP A 158 34.95 -14.02 -18.31
CA ASP A 158 35.95 -14.01 -17.23
C ASP A 158 35.32 -14.21 -15.86
N ASN A 159 34.27 -13.43 -15.60
CA ASN A 159 33.54 -13.46 -14.34
C ASN A 159 32.51 -14.59 -14.29
N LYS A 160 32.63 -15.53 -15.22
CA LYS A 160 31.71 -16.67 -15.35
C LYS A 160 31.24 -17.25 -14.01
N GLU A 161 32.17 -17.66 -13.15
CA GLU A 161 31.78 -18.22 -11.87
C GLU A 161 30.93 -17.27 -11.02
N TYR A 162 31.31 -16.00 -11.03
CA TYR A 162 30.61 -14.98 -10.26
C TYR A 162 29.15 -14.91 -10.68
N TYR A 163 28.93 -14.51 -11.92
CA TYR A 163 27.58 -14.42 -12.45
C TYR A 163 26.85 -15.72 -12.18
N GLU A 164 27.52 -16.84 -12.39
CA GLU A 164 26.91 -18.15 -12.20
C GLU A 164 26.46 -18.33 -10.74
N LYS A 165 27.36 -17.99 -9.81
CA LYS A 165 27.09 -18.09 -8.37
C LYS A 165 25.79 -17.35 -8.01
N ASN A 166 25.79 -16.04 -8.24
CA ASN A 166 24.64 -15.20 -7.93
C ASN A 166 23.35 -15.77 -8.51
N SER A 167 23.40 -16.14 -9.79
CA SER A 167 22.25 -16.67 -10.50
C SER A 167 21.58 -17.82 -9.77
N LYS A 168 22.39 -18.79 -9.35
CA LYS A 168 21.86 -19.95 -8.63
C LYS A 168 21.20 -19.50 -7.35
N GLU A 169 21.85 -18.60 -6.63
CA GLU A 169 21.29 -18.12 -5.37
C GLU A 169 19.95 -17.39 -5.47
N TYR A 170 19.70 -16.74 -6.61
CA TYR A 170 18.45 -16.03 -6.82
C TYR A 170 17.36 -17.07 -7.22
N ILE A 171 17.72 -18.01 -8.09
CA ILE A 171 16.81 -19.09 -8.53
C ILE A 171 16.33 -19.80 -7.26
N ALA A 172 17.19 -19.87 -6.25
CA ALA A 172 16.81 -20.50 -4.98
C ALA A 172 15.65 -19.71 -4.37
N LYS A 173 15.91 -18.44 -4.05
CA LYS A 173 14.90 -17.52 -3.48
C LYS A 173 13.65 -17.66 -4.27
N LEU A 174 13.77 -17.60 -5.61
CA LEU A 174 12.61 -17.73 -6.47
C LEU A 174 11.93 -19.07 -6.21
N GLN A 175 12.71 -20.13 -6.00
CA GLN A 175 12.10 -21.43 -5.74
C GLN A 175 11.50 -21.48 -4.33
N ASP A 176 12.15 -20.83 -3.37
CA ASP A 176 11.62 -20.76 -2.02
C ASP A 176 10.26 -20.06 -2.16
N LEU A 177 10.21 -19.01 -2.99
CA LEU A 177 8.96 -18.28 -3.25
C LEU A 177 7.91 -19.21 -3.87
N ASP A 178 8.34 -20.04 -4.82
CA ASP A 178 7.44 -20.96 -5.47
C ASP A 178 6.79 -21.97 -4.51
N LYS A 179 7.54 -22.38 -3.49
CA LYS A 179 7.02 -23.32 -2.50
C LYS A 179 5.79 -22.73 -1.84
N LEU A 180 5.90 -21.47 -1.40
CA LEU A 180 4.79 -20.79 -0.75
C LEU A 180 3.51 -20.89 -1.57
N TYR A 181 3.54 -20.35 -2.78
CA TYR A 181 2.37 -20.40 -3.64
C TYR A 181 1.90 -21.81 -3.86
N ARG A 182 2.84 -22.72 -4.05
CA ARG A 182 2.49 -24.10 -4.30
C ARG A 182 1.92 -24.75 -3.05
N THR A 183 2.24 -24.19 -1.88
CA THR A 183 1.73 -24.74 -0.63
C THR A 183 0.34 -24.17 -0.37
N THR A 184 0.23 -22.85 -0.49
CA THR A 184 -1.04 -22.17 -0.24
C THR A 184 -2.12 -22.63 -1.19
N ALA A 185 -1.73 -22.94 -2.42
CA ALA A 185 -2.67 -23.40 -3.44
C ALA A 185 -3.20 -24.80 -3.11
N LYS A 186 -2.36 -25.61 -2.46
CA LYS A 186 -2.74 -26.96 -2.06
C LYS A 186 -3.69 -26.92 -0.87
N LYS A 187 -3.42 -25.99 0.05
CA LYS A 187 -4.22 -25.82 1.24
C LYS A 187 -5.48 -25.01 0.92
N ALA A 188 -5.57 -24.54 -0.32
CA ALA A 188 -6.71 -23.74 -0.77
C ALA A 188 -7.74 -24.59 -1.51
N GLU A 189 -9.00 -24.37 -1.16
CA GLU A 189 -10.12 -25.09 -1.77
C GLU A 189 -10.88 -24.21 -2.74
N LYS A 190 -10.45 -22.94 -2.86
CA LYS A 190 -11.11 -22.00 -3.75
C LYS A 190 -10.68 -22.24 -5.19
N LYS A 191 -9.37 -22.26 -5.40
CA LYS A 191 -8.79 -22.49 -6.71
C LYS A 191 -9.17 -21.44 -7.75
N GLU A 192 -9.77 -20.33 -7.34
CA GLU A 192 -10.16 -19.29 -8.30
C GLU A 192 -10.23 -17.92 -7.65
N PHE A 193 -9.86 -16.90 -8.41
CA PHE A 193 -9.88 -15.54 -7.88
C PHE A 193 -10.37 -14.55 -8.91
N ILE A 194 -11.34 -13.74 -8.53
CA ILE A 194 -11.91 -12.74 -9.43
C ILE A 194 -11.01 -11.53 -9.52
N THR A 195 -10.92 -10.92 -10.69
CA THR A 195 -10.07 -9.75 -10.85
C THR A 195 -10.73 -8.70 -11.72
N GLN A 196 -10.01 -7.61 -11.97
CA GLN A 196 -10.51 -6.54 -12.83
C GLN A 196 -9.66 -6.55 -14.10
N HIS A 197 -8.39 -6.91 -13.93
CA HIS A 197 -7.40 -7.02 -15.00
C HIS A 197 -7.22 -8.49 -15.42
N THR A 198 -6.04 -8.86 -15.92
CA THR A 198 -5.84 -10.25 -16.32
C THR A 198 -4.39 -10.61 -16.58
N ALA A 199 -3.49 -9.85 -15.97
CA ALA A 199 -2.07 -10.04 -16.14
C ALA A 199 -1.54 -11.22 -15.35
N PHE A 200 -2.41 -11.87 -14.59
CA PHE A 200 -1.98 -12.98 -13.76
C PHE A 200 -2.26 -14.35 -14.35
N GLY A 201 -2.44 -14.38 -15.66
CA GLY A 201 -2.71 -15.62 -16.37
C GLY A 201 -1.68 -16.73 -16.20
N TYR A 202 -0.40 -16.41 -16.05
CA TYR A 202 0.58 -17.46 -15.87
C TYR A 202 0.76 -17.86 -14.44
N LEU A 203 0.34 -17.02 -13.52
CA LEU A 203 0.46 -17.34 -12.11
C LEU A 203 -0.61 -18.37 -11.74
N ALA A 204 -1.77 -18.24 -12.37
CA ALA A 204 -2.87 -19.15 -12.11
C ALA A 204 -2.51 -20.55 -12.60
N LYS A 205 -2.24 -20.66 -13.89
CA LYS A 205 -1.88 -21.91 -14.53
C LYS A 205 -0.81 -22.68 -13.76
N GLU A 206 0.17 -21.97 -13.22
CA GLU A 206 1.23 -22.61 -12.46
C GLU A 206 0.73 -23.28 -11.20
N TYR A 207 -0.41 -22.83 -10.70
CA TYR A 207 -0.95 -23.41 -9.47
C TYR A 207 -2.41 -23.77 -9.57
N GLY A 208 -2.78 -24.44 -10.65
CA GLY A 208 -4.16 -24.86 -10.86
C GLY A 208 -5.16 -23.89 -10.27
N LEU A 209 -5.00 -22.61 -10.61
CA LEU A 209 -5.89 -21.55 -10.13
C LEU A 209 -6.66 -20.93 -11.28
N LYS A 210 -7.83 -20.39 -11.01
CA LYS A 210 -8.62 -19.79 -12.06
C LYS A 210 -8.75 -18.28 -11.93
N GLN A 211 -8.23 -17.53 -12.90
CA GLN A 211 -8.32 -16.08 -12.86
C GLN A 211 -9.56 -15.62 -13.63
N VAL A 212 -10.63 -15.31 -12.92
CA VAL A 212 -11.85 -14.85 -13.57
C VAL A 212 -12.02 -13.33 -13.55
N PRO A 213 -11.75 -12.66 -14.68
CA PRO A 213 -11.88 -11.21 -14.83
C PRO A 213 -13.33 -10.80 -14.98
N ILE A 214 -13.62 -9.53 -14.75
CA ILE A 214 -14.98 -9.02 -14.85
C ILE A 214 -15.10 -7.96 -15.92
N ALA A 215 -16.32 -7.72 -16.35
CA ALA A 215 -16.60 -6.74 -17.39
C ALA A 215 -16.10 -5.36 -17.00
N GLY A 216 -16.90 -4.34 -17.31
CA GLY A 216 -16.53 -2.97 -17.00
C GLY A 216 -16.22 -2.78 -15.54
N LEU A 217 -15.02 -3.20 -15.13
CA LEU A 217 -14.60 -3.08 -13.75
C LEU A 217 -13.26 -2.37 -13.65
N SER A 218 -13.30 -1.12 -13.18
CA SER A 218 -12.10 -0.32 -13.00
C SER A 218 -11.93 0.12 -11.56
N PRO A 219 -10.68 0.35 -11.14
CA PRO A 219 -10.44 0.78 -9.76
C PRO A 219 -10.75 2.27 -9.60
N ASP A 220 -10.94 2.95 -10.71
CA ASP A 220 -11.25 4.38 -10.70
C ASP A 220 -12.75 4.68 -10.62
N GLN A 221 -13.48 4.41 -11.69
CA GLN A 221 -14.92 4.67 -11.70
C GLN A 221 -15.72 3.39 -11.51
N GLU A 222 -16.73 3.48 -10.67
CA GLU A 222 -17.58 2.34 -10.36
C GLU A 222 -18.26 1.79 -11.58
N PRO A 223 -18.61 0.51 -11.54
CA PRO A 223 -19.28 -0.15 -12.66
C PRO A 223 -20.64 0.42 -13.02
N SER A 224 -21.11 0.10 -14.21
CA SER A 224 -22.40 0.56 -14.65
C SER A 224 -23.46 -0.31 -13.98
N ALA A 225 -24.68 0.22 -13.93
CA ALA A 225 -25.79 -0.49 -13.35
C ALA A 225 -25.94 -1.87 -14.01
N ALA A 226 -25.70 -1.93 -15.32
CA ALA A 226 -25.83 -3.19 -16.06
C ALA A 226 -24.72 -4.17 -15.69
N SER A 227 -23.49 -3.69 -15.61
CA SER A 227 -22.33 -4.51 -15.26
C SER A 227 -22.41 -4.98 -13.82
N LEU A 228 -22.58 -4.03 -12.90
CA LEU A 228 -22.69 -4.32 -11.48
C LEU A 228 -23.70 -5.43 -11.21
N ALA A 229 -24.82 -5.37 -11.92
CA ALA A 229 -25.86 -6.38 -11.74
C ALA A 229 -25.38 -7.72 -12.27
N LYS A 230 -24.47 -7.67 -13.24
CA LYS A 230 -23.91 -8.87 -13.83
C LYS A 230 -22.94 -9.49 -12.83
N LEU A 231 -22.02 -8.67 -12.31
CA LEU A 231 -21.03 -9.14 -11.35
C LEU A 231 -21.69 -9.59 -10.07
N LYS A 232 -22.71 -8.84 -9.66
CA LYS A 232 -23.44 -9.11 -8.43
C LYS A 232 -23.95 -10.54 -8.38
N THR A 233 -24.58 -11.00 -9.46
CA THR A 233 -25.10 -12.36 -9.51
C THR A 233 -24.01 -13.43 -9.54
N TYR A 234 -22.88 -13.10 -10.16
CA TYR A 234 -21.74 -14.00 -10.28
C TYR A 234 -21.13 -14.26 -8.91
N ALA A 235 -21.34 -13.32 -7.99
CA ALA A 235 -20.81 -13.43 -6.64
C ALA A 235 -21.79 -14.19 -5.76
N LYS A 236 -23.00 -14.38 -6.24
CA LYS A 236 -24.00 -15.09 -5.46
C LYS A 236 -23.81 -16.60 -5.58
N GLU A 237 -23.32 -17.03 -6.73
CA GLU A 237 -23.11 -18.46 -6.97
C GLU A 237 -21.67 -18.89 -6.79
N HIS A 238 -20.79 -17.95 -6.48
CA HIS A 238 -19.38 -18.25 -6.28
C HIS A 238 -18.92 -17.83 -4.90
N ASN A 239 -19.85 -17.32 -4.10
CA ASN A 239 -19.54 -16.88 -2.75
C ASN A 239 -18.28 -16.00 -2.76
N VAL A 240 -18.14 -15.22 -3.83
CA VAL A 240 -16.99 -14.31 -4.00
C VAL A 240 -16.75 -13.46 -2.77
N LYS A 241 -15.52 -13.44 -2.30
CA LYS A 241 -15.21 -12.67 -1.11
C LYS A 241 -14.40 -11.44 -1.43
N VAL A 242 -13.34 -11.62 -2.21
CA VAL A 242 -12.49 -10.50 -2.56
C VAL A 242 -12.37 -10.31 -4.06
N ILE A 243 -12.12 -9.07 -4.47
CA ILE A 243 -11.93 -8.69 -5.87
C ILE A 243 -10.63 -7.88 -5.95
N TYR A 244 -9.69 -8.36 -6.76
CA TYR A 244 -8.39 -7.72 -6.91
C TYR A 244 -8.31 -6.73 -8.07
N PHE A 245 -7.37 -5.79 -7.97
CA PHE A 245 -7.18 -4.76 -8.98
C PHE A 245 -5.70 -4.52 -9.25
N GLU A 246 -5.41 -3.75 -10.29
CA GLU A 246 -4.04 -3.45 -10.65
C GLU A 246 -3.45 -2.54 -9.57
N GLU A 247 -4.19 -1.50 -9.23
CA GLU A 247 -3.75 -0.56 -8.20
C GLU A 247 -4.87 -0.47 -7.18
N ILE A 248 -4.62 0.26 -6.10
CA ILE A 248 -5.60 0.45 -5.02
C ILE A 248 -6.93 0.97 -5.55
N ALA A 249 -8.03 0.48 -4.96
CA ALA A 249 -9.38 0.89 -5.34
C ALA A 249 -9.75 2.21 -4.71
N SER A 250 -10.48 3.03 -5.45
CA SER A 250 -10.89 4.33 -4.96
C SER A 250 -11.98 4.12 -3.91
N SER A 251 -12.42 5.21 -3.31
CA SER A 251 -13.47 5.17 -2.32
C SER A 251 -14.74 4.60 -2.96
N LYS A 252 -15.31 5.36 -3.90
CA LYS A 252 -16.53 4.96 -4.61
C LYS A 252 -16.52 3.46 -4.85
N VAL A 253 -15.62 3.03 -5.74
CA VAL A 253 -15.51 1.62 -6.09
C VAL A 253 -15.40 0.72 -4.86
N ALA A 254 -14.33 0.86 -4.10
CA ALA A 254 -14.15 0.03 -2.92
C ALA A 254 -15.40 -0.03 -2.06
N ASP A 255 -16.14 1.09 -2.02
CA ASP A 255 -17.36 1.17 -1.21
C ASP A 255 -18.54 0.44 -1.88
N THR A 256 -18.86 0.84 -3.10
CA THR A 256 -19.95 0.23 -3.83
C THR A 256 -19.87 -1.30 -3.85
N LEU A 257 -18.68 -1.81 -4.11
CA LEU A 257 -18.47 -3.24 -4.17
C LEU A 257 -18.79 -3.91 -2.84
N ALA A 258 -18.47 -3.21 -1.75
CA ALA A 258 -18.72 -3.73 -0.41
C ALA A 258 -20.21 -3.97 -0.18
N SER A 259 -20.98 -2.89 -0.32
CA SER A 259 -22.42 -2.94 -0.13
C SER A 259 -23.15 -3.78 -1.19
N GLU A 260 -22.93 -3.44 -2.45
CA GLU A 260 -23.55 -4.15 -3.57
C GLU A 260 -23.11 -5.61 -3.70
N ILE A 261 -21.81 -5.83 -3.94
CA ILE A 261 -21.27 -7.18 -4.09
C ILE A 261 -20.97 -7.81 -2.71
N GLY A 262 -20.98 -6.99 -1.65
CA GLY A 262 -20.69 -7.55 -0.35
C GLY A 262 -19.33 -8.22 -0.35
N ALA A 263 -18.37 -7.57 -0.99
CA ALA A 263 -17.01 -8.10 -1.06
C ALA A 263 -15.99 -7.01 -0.73
N LYS A 264 -14.74 -7.38 -0.61
CA LYS A 264 -13.67 -6.43 -0.32
C LYS A 264 -12.82 -6.22 -1.56
N THR A 265 -11.77 -5.42 -1.46
CA THR A 265 -10.95 -5.25 -2.63
C THR A 265 -9.49 -5.32 -2.25
N GLU A 266 -8.73 -6.16 -2.96
CA GLU A 266 -7.30 -6.26 -2.69
C GLU A 266 -6.52 -5.92 -3.95
N VAL A 267 -5.22 -5.65 -3.79
CA VAL A 267 -4.40 -5.28 -4.93
C VAL A 267 -3.99 -6.40 -5.89
N LEU A 268 -2.96 -7.17 -5.55
CA LEU A 268 -2.49 -8.23 -6.46
C LEU A 268 -1.89 -7.52 -7.66
N ASN A 269 -0.68 -6.96 -7.50
CA ASN A 269 -0.06 -6.24 -8.60
C ASN A 269 0.97 -6.91 -9.47
N THR A 270 1.07 -6.38 -10.67
CA THR A 270 1.99 -6.85 -11.66
C THR A 270 3.27 -6.10 -11.38
N LEU A 271 4.38 -6.80 -11.30
CA LEU A 271 5.63 -6.12 -11.04
C LEU A 271 5.99 -5.29 -12.27
N GLU A 272 5.03 -4.57 -12.83
CA GLU A 272 5.31 -3.78 -14.02
C GLU A 272 5.97 -2.49 -13.63
N GLY A 273 5.76 -2.11 -12.37
CA GLY A 273 6.36 -0.88 -11.85
C GLY A 273 6.43 -0.90 -10.33
N LEU A 274 7.11 0.09 -9.78
CA LEU A 274 7.27 0.21 -8.33
C LEU A 274 6.99 1.66 -7.90
N SER A 275 6.32 1.82 -6.77
CA SER A 275 6.02 3.14 -6.22
C SER A 275 7.34 3.70 -5.69
N LYS A 276 7.46 5.02 -5.61
CA LYS A 276 8.67 5.64 -5.09
C LYS A 276 8.98 5.07 -3.71
N GLU A 277 7.95 4.78 -2.94
CA GLU A 277 8.14 4.23 -1.61
C GLU A 277 8.88 2.89 -1.65
N GLU A 278 8.32 1.97 -2.43
CA GLU A 278 8.88 0.62 -2.58
C GLU A 278 10.33 0.63 -3.02
N GLN A 279 10.64 1.61 -3.88
CA GLN A 279 11.99 1.79 -4.40
C GLN A 279 12.91 2.12 -3.23
N ASP A 280 12.58 3.18 -2.50
CA ASP A 280 13.38 3.59 -1.37
C ASP A 280 13.32 2.55 -0.27
N LYS A 281 12.22 1.79 -0.23
CA LYS A 281 12.09 0.74 0.76
C LYS A 281 12.85 -0.53 0.34
N GLY A 282 13.10 -0.63 -0.96
CA GLY A 282 13.80 -1.79 -1.48
C GLY A 282 12.87 -2.90 -1.97
N LEU A 283 11.63 -2.92 -1.48
CA LEU A 283 10.65 -3.94 -1.85
C LEU A 283 10.68 -4.31 -3.33
N GLY A 284 11.07 -5.56 -3.62
CA GLY A 284 11.16 -5.99 -5.01
C GLY A 284 10.28 -7.14 -5.45
N TYR A 285 10.76 -7.89 -6.45
CA TYR A 285 10.02 -9.00 -7.02
C TYR A 285 9.59 -9.96 -5.90
N ILE A 286 10.56 -10.54 -5.21
CA ILE A 286 10.16 -11.42 -4.13
C ILE A 286 9.25 -10.73 -3.10
N ASP A 287 9.62 -9.52 -2.68
CA ASP A 287 8.79 -8.80 -1.68
C ASP A 287 7.36 -8.52 -2.16
N ILE A 288 7.24 -7.77 -3.26
CA ILE A 288 5.94 -7.46 -3.82
C ILE A 288 5.16 -8.71 -4.21
N LYS A 290 5.22 -11.59 -2.64
CA LYS A 290 4.76 -12.14 -1.37
C LYS A 290 3.51 -11.38 -1.00
N GLN A 291 3.52 -10.08 -1.23
CA GLN A 291 2.33 -9.29 -0.94
C GLN A 291 1.18 -9.91 -1.71
N ASN A 292 1.41 -10.16 -3.00
CA ASN A 292 0.41 -10.74 -3.91
C ASN A 292 -0.14 -12.07 -3.39
N LEU A 293 0.71 -12.89 -2.77
CA LEU A 293 0.20 -14.13 -2.23
C LEU A 293 -0.71 -13.80 -1.06
N ASP A 294 -0.28 -12.92 -0.16
CA ASP A 294 -1.14 -12.56 0.96
C ASP A 294 -2.55 -12.26 0.48
N ALA A 295 -2.70 -11.27 -0.38
CA ALA A 295 -4.02 -10.91 -0.89
C ALA A 295 -4.77 -12.16 -1.32
N LEU A 296 -4.13 -12.97 -2.16
CA LEU A 296 -4.75 -14.21 -2.62
C LEU A 296 -5.30 -15.01 -1.45
N LYS A 297 -4.50 -15.19 -0.42
CA LYS A 297 -4.92 -15.96 0.74
C LYS A 297 -6.29 -15.56 1.24
N ASP A 298 -6.53 -14.26 1.35
CA ASP A 298 -7.82 -13.77 1.83
C ASP A 298 -8.92 -14.07 0.85
N SER A 299 -8.83 -15.22 0.18
CA SER A 299 -9.82 -15.60 -0.82
C SER A 299 -9.77 -17.09 -1.09
N LEU A 300 -8.57 -17.63 -1.08
CA LEU A 300 -8.35 -19.04 -1.35
C LEU A 300 -8.56 -19.86 -0.10
N LEU A 301 -8.00 -19.41 1.02
CA LEU A 301 -8.17 -20.14 2.27
C LEU A 301 -9.40 -19.64 3.03
N VAL A 302 -10.56 -19.70 2.39
CA VAL A 302 -11.79 -19.27 3.05
C VAL A 302 -12.61 -20.47 3.52
N LYS B 21 -19.88 28.03 0.70
CA LYS B 21 -19.44 29.38 1.11
C LYS B 21 -18.62 29.37 2.40
N LEU B 22 -19.09 28.62 3.41
CA LEU B 22 -18.39 28.50 4.70
C LEU B 22 -16.94 28.02 4.52
N HIS B 23 -16.01 28.81 5.00
CA HIS B 23 -14.59 28.49 4.89
C HIS B 23 -14.03 28.00 6.23
N VAL B 24 -13.49 26.78 6.21
CA VAL B 24 -12.91 26.15 7.39
C VAL B 24 -11.52 25.59 7.05
N VAL B 25 -10.54 25.89 7.91
CA VAL B 25 -9.18 25.43 7.73
C VAL B 25 -8.85 24.42 8.81
N THR B 26 -8.23 23.32 8.41
CA THR B 26 -7.89 22.25 9.34
C THR B 26 -6.41 21.95 9.33
N THR B 27 -5.98 21.31 10.42
CA THR B 27 -4.58 20.91 10.62
C THR B 27 -4.14 19.74 9.71
N PHE B 28 -4.22 18.51 10.22
CA PHE B 28 -3.85 17.31 9.44
C PHE B 28 -5.09 16.51 8.99
N TYR B 29 -4.86 15.53 8.11
CA TYR B 29 -5.92 14.72 7.51
C TYR B 29 -7.20 14.35 8.29
N PRO B 30 -7.09 13.59 9.39
CA PRO B 30 -8.27 13.22 10.16
C PRO B 30 -9.15 14.44 10.53
N TYR B 32 -9.42 17.12 8.77
CA TYR B 32 -9.97 17.55 7.49
C TYR B 32 -11.22 16.74 7.08
N GLU B 33 -11.09 15.41 7.15
CA GLU B 33 -12.19 14.56 6.76
C GLU B 33 -13.40 14.74 7.65
N PHE B 34 -13.19 14.69 8.97
CA PHE B 34 -14.31 14.87 9.90
C PHE B 34 -15.06 16.14 9.53
N THR B 35 -14.35 17.24 9.44
CA THR B 35 -14.99 18.49 9.08
C THR B 35 -15.78 18.38 7.78
N LYS B 36 -15.08 18.07 6.69
CA LYS B 36 -15.69 17.96 5.37
C LYS B 36 -16.86 16.98 5.35
N GLN B 37 -16.70 15.91 6.11
CA GLN B 37 -17.73 14.89 6.19
C GLN B 37 -19.04 15.49 6.67
N ILE B 38 -18.98 16.51 7.53
CA ILE B 38 -20.22 17.13 8.01
C ILE B 38 -20.58 18.34 7.17
N VAL B 39 -19.58 19.03 6.64
CA VAL B 39 -19.84 20.23 5.84
C VAL B 39 -20.17 19.93 4.39
N LYS B 40 -19.42 19.00 3.81
CA LYS B 40 -19.57 18.59 2.42
C LYS B 40 -19.51 19.75 1.44
N ASP B 41 -20.54 19.87 0.60
CA ASP B 41 -20.58 20.90 -0.42
C ASP B 41 -20.96 22.28 0.08
N LYS B 42 -21.45 22.35 1.32
CA LYS B 42 -21.85 23.63 1.88
C LYS B 42 -20.69 24.48 2.40
N GLY B 43 -19.46 23.99 2.24
CA GLY B 43 -18.33 24.78 2.70
C GLY B 43 -16.99 24.40 2.10
N ASP B 44 -16.08 25.37 2.04
CA ASP B 44 -14.74 25.13 1.50
C ASP B 44 -13.83 24.77 2.66
N VAL B 45 -13.29 23.56 2.62
CA VAL B 45 -12.41 23.08 3.67
C VAL B 45 -11.07 22.68 3.10
N ASP B 46 -9.98 23.05 3.76
CA ASP B 46 -8.66 22.68 3.27
C ASP B 46 -7.81 22.18 4.42
N LEU B 47 -6.64 21.61 4.12
CA LEU B 47 -5.78 21.14 5.19
C LEU B 47 -4.43 21.81 5.09
N LEU B 48 -3.99 22.40 6.21
CA LEU B 48 -2.71 23.09 6.26
C LEU B 48 -1.54 22.15 6.07
N ILE B 49 -1.59 21.02 6.77
CA ILE B 49 -0.52 20.04 6.68
C ILE B 49 -0.86 19.04 5.58
N PRO B 50 -0.12 19.09 4.45
CA PRO B 50 -0.38 18.17 3.35
C PRO B 50 -0.22 16.73 3.80
N SER B 51 -1.20 15.91 3.45
CA SER B 51 -1.20 14.51 3.84
C SER B 51 -0.01 13.76 3.24
N SER B 52 1.16 13.97 3.85
CA SER B 52 2.41 13.34 3.41
C SER B 52 3.58 13.95 4.16
N VAL B 53 3.29 14.65 5.26
CA VAL B 53 4.32 15.27 6.08
C VAL B 53 3.96 15.18 7.56
N GLU B 54 4.93 14.81 8.37
CA GLU B 54 4.74 14.68 9.82
C GLU B 54 4.01 15.86 10.45
N PRO B 55 2.77 15.63 10.95
CA PRO B 55 2.02 16.72 11.58
C PRO B 55 2.53 17.12 12.95
N HIS B 56 2.98 16.13 13.71
CA HIS B 56 3.50 16.36 15.05
C HIS B 56 4.51 17.50 15.13
N ASP B 57 5.43 17.56 14.18
CA ASP B 57 6.46 18.58 14.18
C ASP B 57 6.16 19.73 13.23
N TRP B 58 5.25 19.52 12.30
CA TRP B 58 4.90 20.57 11.35
C TRP B 58 4.79 21.92 12.04
N GLU B 59 5.32 22.94 11.40
CA GLU B 59 5.27 24.28 11.96
C GLU B 59 4.68 25.17 10.88
N PRO B 60 3.77 26.09 11.25
CA PRO B 60 3.12 27.00 10.31
C PRO B 60 4.03 28.12 9.80
N THR B 61 3.69 28.63 8.63
CA THR B 61 4.45 29.72 8.03
C THR B 61 3.57 30.95 8.10
N PRO B 62 4.12 32.13 7.84
CA PRO B 62 3.30 33.34 7.89
C PRO B 62 2.10 33.22 6.98
N LYS B 63 2.29 32.55 5.84
CA LYS B 63 1.22 32.35 4.86
C LYS B 63 0.09 31.52 5.47
N ASP B 64 0.46 30.44 6.14
CA ASP B 64 -0.51 29.57 6.78
C ASP B 64 -1.25 30.33 7.88
N ILE B 65 -0.49 31.08 8.67
CA ILE B 65 -1.08 31.85 9.75
C ILE B 65 -2.15 32.78 9.19
N ALA B 66 -1.85 33.35 8.04
CA ALA B 66 -2.77 34.26 7.38
C ALA B 66 -4.04 33.54 6.97
N ASN B 67 -3.88 32.41 6.29
CA ASN B 67 -5.04 31.66 5.85
C ASN B 67 -5.92 31.22 7.03
N ILE B 68 -5.31 31.02 8.20
CA ILE B 68 -6.08 30.64 9.36
C ILE B 68 -7.03 31.78 9.75
N GLN B 69 -6.51 32.98 9.98
CA GLN B 69 -7.38 34.09 10.35
C GLN B 69 -8.24 34.49 9.17
N ASP B 70 -7.88 33.97 8.01
CA ASP B 70 -8.60 34.25 6.79
C ASP B 70 -9.90 33.45 6.73
N ALA B 71 -9.87 32.25 7.32
CA ALA B 71 -11.03 31.35 7.32
C ALA B 71 -12.08 31.68 8.37
N ASP B 72 -13.25 31.05 8.27
CA ASP B 72 -14.33 31.27 9.24
C ASP B 72 -14.05 30.55 10.56
N LEU B 73 -13.47 29.36 10.43
CA LEU B 73 -13.14 28.56 11.60
C LEU B 73 -11.85 27.78 11.35
N PHE B 74 -11.12 27.53 12.42
CA PHE B 74 -9.87 26.79 12.38
C PHE B 74 -10.11 25.58 13.26
N VAL B 75 -9.87 24.39 12.71
CA VAL B 75 -10.09 23.16 13.45
C VAL B 75 -8.78 22.44 13.69
N TYR B 76 -8.52 22.05 14.93
CA TYR B 76 -7.30 21.32 15.22
C TYR B 76 -7.65 20.17 16.15
N ASN B 77 -6.71 19.28 16.39
CA ASN B 77 -7.01 18.13 17.20
C ASN B 77 -6.82 18.30 18.69
N SER B 78 -5.61 18.72 19.07
CA SER B 78 -5.31 18.91 20.45
C SER B 78 -4.09 19.79 20.57
N GLU B 79 -4.03 20.56 21.64
CA GLU B 79 -2.91 21.43 21.87
C GLU B 79 -1.65 20.59 22.09
N TYR B 80 -1.83 19.30 22.38
CA TYR B 80 -0.69 18.40 22.61
C TYR B 80 -0.26 17.77 21.29
N GLU B 82 -1.07 19.56 17.75
CA GLU B 82 -0.57 20.73 17.02
C GLU B 82 -0.11 21.75 18.07
N THR B 83 1.03 21.49 18.70
CA THR B 83 1.52 22.37 19.75
C THR B 83 1.76 23.82 19.38
N TRP B 84 1.53 24.18 18.13
CA TRP B 84 1.74 25.57 17.70
C TRP B 84 0.45 26.39 17.73
N VAL B 85 -0.68 25.72 17.93
CA VAL B 85 -1.97 26.39 17.95
C VAL B 85 -2.14 27.44 19.05
N PRO B 86 -1.95 27.06 20.32
CA PRO B 86 -2.11 28.05 21.40
C PRO B 86 -1.37 29.36 21.11
N SER B 87 -0.17 29.25 20.56
CA SER B 87 0.62 30.42 20.22
C SER B 87 -0.01 31.20 19.07
N ALA B 88 -0.61 30.45 18.15
CA ALA B 88 -1.24 31.06 16.99
C ALA B 88 -2.50 31.84 17.36
N GLU B 89 -3.32 31.25 18.23
CA GLU B 89 -4.56 31.89 18.65
C GLU B 89 -4.29 33.20 19.37
N LYS B 90 -3.32 33.17 20.27
CA LYS B 90 -2.94 34.37 21.02
C LYS B 90 -2.50 35.45 20.04
N SER B 91 -1.49 35.15 19.23
CA SER B 91 -0.99 36.12 18.26
C SER B 91 -1.92 36.21 17.06
N GLY B 93 -6.15 36.90 17.57
CA GLY B 93 -7.33 37.58 18.05
C GLY B 93 -8.59 36.73 18.02
N GLN B 94 -9.74 37.39 18.15
CA GLN B 94 -11.03 36.70 18.14
C GLN B 94 -11.88 37.12 16.94
N GLY B 95 -11.75 38.37 16.53
CA GLY B 95 -12.53 38.88 15.40
C GLY B 95 -12.33 38.07 14.13
N HIS B 96 -11.21 37.35 14.06
CA HIS B 96 -10.87 36.53 12.90
C HIS B 96 -11.52 35.16 13.03
N ALA B 97 -10.84 34.14 12.51
CA ALA B 97 -11.35 32.76 12.57
C ALA B 97 -11.52 32.28 14.00
N VAL B 98 -12.59 31.54 14.25
CA VAL B 98 -12.86 31.03 15.59
C VAL B 98 -12.26 29.65 15.77
N PHE B 99 -11.25 29.55 16.62
CA PHE B 99 -10.58 28.30 16.88
C PHE B 99 -11.53 27.25 17.46
N VAL B 100 -11.29 25.98 17.16
CA VAL B 100 -12.13 24.92 17.67
C VAL B 100 -11.37 23.61 17.71
N ASN B 101 -11.16 23.08 18.90
CA ASN B 101 -10.46 21.80 19.01
C ASN B 101 -11.49 20.70 19.22
N ALA B 102 -11.30 19.64 18.46
CA ALA B 102 -12.20 18.50 18.49
C ALA B 102 -12.03 17.66 19.73
N SER B 103 -10.83 17.66 20.32
CA SER B 103 -10.58 16.84 21.50
C SER B 103 -11.17 17.45 22.76
N LYS B 104 -11.94 18.52 22.61
CA LYS B 104 -12.56 19.18 23.74
C LYS B 104 -13.66 18.30 24.33
N GLY B 105 -13.47 17.88 25.57
CA GLY B 105 -14.44 17.04 26.24
C GLY B 105 -13.90 15.65 26.49
N ILE B 106 -12.84 15.32 25.78
CA ILE B 106 -12.22 14.01 25.91
C ILE B 106 -11.28 14.05 27.10
N ASP B 107 -11.50 13.15 28.05
CA ASP B 107 -10.69 13.10 29.24
C ASP B 107 -9.22 12.82 28.97
N LEU B 108 -8.81 12.87 27.71
CA LEU B 108 -7.41 12.60 27.38
C LEU B 108 -6.99 11.27 27.97
N GLU B 110 -3.08 9.06 29.69
CA GLU B 110 -1.67 9.08 30.06
C GLU B 110 -0.75 9.11 28.84
N GLY B 111 -0.16 10.27 28.59
CA GLY B 111 0.75 10.41 27.46
C GLY B 111 2.02 9.61 27.66
N ALA B 129 3.80 15.09 26.81
CA ALA B 129 2.88 15.53 27.86
C ALA B 129 1.72 14.55 27.94
N ASP B 131 -1.29 12.17 25.46
CA ASP B 131 -1.37 11.43 24.22
C ASP B 131 -2.56 11.93 23.41
N PRO B 132 -2.30 12.64 22.30
CA PRO B 132 -3.34 13.18 21.43
C PRO B 132 -4.06 12.27 20.41
N HIS B 133 -3.56 11.06 20.19
CA HIS B 133 -4.17 10.15 19.20
C HIS B 133 -5.57 9.62 19.52
N VAL B 134 -6.43 10.52 20.00
CA VAL B 134 -7.79 10.15 20.37
C VAL B 134 -8.63 9.79 19.17
N TRP B 135 -8.34 10.36 18.01
CA TRP B 135 -9.14 10.11 16.81
C TRP B 135 -9.02 8.64 16.37
N LEU B 136 -7.93 7.99 16.79
CA LEU B 136 -7.72 6.59 16.43
C LEU B 136 -8.59 5.66 17.28
N SER B 137 -9.70 6.20 17.76
CA SER B 137 -10.68 5.48 18.57
C SER B 137 -12.03 5.76 17.90
N PRO B 138 -12.63 4.74 17.28
CA PRO B 138 -13.92 4.97 16.62
C PRO B 138 -14.98 5.62 17.49
N VAL B 139 -14.75 5.65 18.80
CA VAL B 139 -15.71 6.24 19.73
C VAL B 139 -15.38 7.71 20.03
N LEU B 140 -14.11 7.98 20.39
CA LEU B 140 -13.67 9.34 20.65
C LEU B 140 -13.72 10.14 19.33
N ALA B 141 -13.73 9.42 18.20
CA ALA B 141 -13.79 10.06 16.89
C ALA B 141 -15.17 10.67 16.74
N GLN B 142 -16.18 9.91 17.17
CA GLN B 142 -17.56 10.38 17.12
C GLN B 142 -17.69 11.67 17.90
N LYS B 143 -17.11 11.67 19.10
CA LYS B 143 -17.12 12.80 20.03
C LYS B 143 -16.56 14.05 19.33
N GLU B 144 -15.38 13.91 18.74
CA GLU B 144 -14.74 15.01 18.04
C GLU B 144 -15.64 15.47 16.90
N VAL B 145 -16.32 14.54 16.26
CA VAL B 145 -17.20 14.91 15.14
C VAL B 145 -18.39 15.71 15.65
N LYS B 146 -18.78 15.42 16.89
CA LYS B 146 -19.89 16.14 17.51
C LYS B 146 -19.39 17.56 17.82
N ASN B 147 -18.19 17.66 18.36
CA ASN B 147 -17.63 18.95 18.69
C ASN B 147 -17.53 19.87 17.47
N ILE B 148 -16.91 19.36 16.39
CA ILE B 148 -16.74 20.15 15.18
C ILE B 148 -18.09 20.57 14.61
N THR B 149 -19.03 19.63 14.56
CA THR B 149 -20.36 19.95 14.04
C THR B 149 -21.06 20.98 14.96
N ALA B 150 -20.74 20.96 16.25
CA ALA B 150 -21.32 21.90 17.19
C ALA B 150 -20.88 23.32 16.83
N GLN B 151 -19.58 23.49 16.58
CA GLN B 151 -19.01 24.79 16.21
C GLN B 151 -19.48 25.24 14.83
N ILE B 152 -19.91 24.29 14.00
CA ILE B 152 -20.36 24.63 12.64
C ILE B 152 -21.77 25.21 12.67
N VAL B 153 -22.70 24.50 13.31
CA VAL B 153 -24.09 24.96 13.40
C VAL B 153 -24.18 26.31 14.05
N LYS B 154 -23.10 26.72 14.69
CA LYS B 154 -23.04 28.01 15.36
C LYS B 154 -22.52 29.09 14.41
N GLN B 155 -21.47 28.76 13.68
CA GLN B 155 -20.87 29.67 12.74
C GLN B 155 -21.83 30.00 11.59
N ASP B 156 -22.64 29.02 11.20
CA ASP B 156 -23.60 29.24 10.12
C ASP B 156 -24.88 28.47 10.38
N PRO B 157 -25.76 29.03 11.23
CA PRO B 157 -27.02 28.35 11.55
C PRO B 157 -27.94 28.08 10.36
N ASP B 158 -27.97 28.98 9.38
CA ASP B 158 -28.85 28.79 8.22
C ASP B 158 -28.99 27.33 7.78
N ASN B 159 -27.85 26.70 7.50
CA ASN B 159 -27.80 25.31 7.03
C ASN B 159 -27.62 24.31 8.15
N LYS B 160 -28.20 24.60 9.30
CA LYS B 160 -28.09 23.71 10.44
C LYS B 160 -28.61 22.31 10.11
N GLU B 161 -29.81 22.25 9.53
CA GLU B 161 -30.42 20.97 9.18
C GLU B 161 -29.47 20.11 8.35
N TYR B 162 -28.75 20.77 7.44
CA TYR B 162 -27.80 20.08 6.57
C TYR B 162 -26.66 19.49 7.38
N TYR B 163 -25.91 20.36 8.04
CA TYR B 163 -24.77 19.92 8.83
C TYR B 163 -25.17 18.86 9.83
N GLU B 164 -26.39 18.98 10.32
CA GLU B 164 -26.94 18.04 11.31
C GLU B 164 -27.12 16.64 10.69
N LYS B 165 -27.65 16.63 9.47
CA LYS B 165 -27.91 15.39 8.72
C LYS B 165 -26.59 14.70 8.37
N ASN B 166 -25.67 15.47 7.81
CA ASN B 166 -24.39 14.93 7.43
C ASN B 166 -23.61 14.44 8.66
N SER B 167 -23.83 15.08 9.80
CA SER B 167 -23.12 14.71 11.01
C SER B 167 -23.63 13.39 11.57
N LYS B 168 -24.95 13.23 11.57
CA LYS B 168 -25.58 12.03 12.09
C LYS B 168 -25.16 10.80 11.31
N GLU B 169 -25.45 10.82 10.00
CA GLU B 169 -25.11 9.71 9.10
C GLU B 169 -23.71 9.19 9.40
N TYR B 170 -22.73 10.09 9.34
CA TYR B 170 -21.35 9.73 9.60
C TYR B 170 -21.18 9.11 10.98
N ILE B 171 -21.89 9.62 11.97
CA ILE B 171 -21.78 9.04 13.33
C ILE B 171 -22.18 7.58 13.31
N ALA B 172 -23.22 7.29 12.53
CA ALA B 172 -23.73 5.93 12.37
C ALA B 172 -22.60 5.07 11.81
N LYS B 173 -21.97 5.56 10.74
CA LYS B 173 -20.85 4.83 10.13
C LYS B 173 -19.80 4.53 11.19
N LEU B 174 -19.32 5.58 11.87
CA LEU B 174 -18.32 5.46 12.94
C LEU B 174 -18.79 4.47 14.02
N GLN B 175 -20.08 4.54 14.36
CA GLN B 175 -20.62 3.64 15.36
C GLN B 175 -20.47 2.18 14.91
N ASP B 176 -20.94 1.87 13.71
CA ASP B 176 -20.80 0.51 13.17
C ASP B 176 -19.36 0.07 13.30
N LEU B 177 -18.44 0.93 12.87
CA LEU B 177 -17.02 0.64 12.98
C LEU B 177 -16.72 0.32 14.43
N ASP B 178 -17.35 1.05 15.35
CA ASP B 178 -17.13 0.80 16.76
C ASP B 178 -17.51 -0.63 17.08
N LYS B 179 -18.69 -1.03 16.58
CA LYS B 179 -19.24 -2.38 16.79
C LYS B 179 -18.28 -3.49 16.33
N LEU B 180 -17.79 -3.36 15.10
CA LEU B 180 -16.83 -4.30 14.53
C LEU B 180 -15.70 -4.65 15.50
N TYR B 181 -14.96 -3.63 15.93
CA TYR B 181 -13.86 -3.83 16.86
C TYR B 181 -14.33 -4.49 18.17
N ARG B 182 -15.60 -4.30 18.54
CA ARG B 182 -16.11 -4.89 19.78
C ARG B 182 -16.32 -6.39 19.68
N THR B 183 -16.89 -6.83 18.56
CA THR B 183 -17.11 -8.24 18.36
C THR B 183 -15.77 -8.93 18.12
N THR B 184 -14.90 -8.27 17.36
CA THR B 184 -13.60 -8.82 17.03
C THR B 184 -12.70 -8.94 18.26
N ALA B 185 -12.64 -7.88 19.06
CA ALA B 185 -11.80 -7.89 20.25
C ALA B 185 -12.33 -8.83 21.31
N LYS B 186 -13.64 -9.06 21.32
CA LYS B 186 -14.20 -9.95 22.32
C LYS B 186 -13.89 -11.38 21.89
N LYS B 187 -13.98 -11.62 20.57
CA LYS B 187 -13.70 -12.91 19.97
C LYS B 187 -12.23 -13.27 20.15
N ALA B 188 -11.38 -12.26 20.27
CA ALA B 188 -9.92 -12.44 20.44
C ALA B 188 -9.55 -13.35 21.59
N GLU B 189 -8.32 -13.84 21.55
CA GLU B 189 -7.81 -14.74 22.59
C GLU B 189 -6.44 -14.24 23.05
N LYS B 190 -5.83 -13.39 22.23
CA LYS B 190 -4.52 -12.82 22.52
C LYS B 190 -4.61 -11.50 23.28
N LYS B 191 -5.40 -10.58 22.73
CA LYS B 191 -5.62 -9.26 23.33
C LYS B 191 -4.33 -8.45 23.59
N GLU B 192 -3.46 -8.40 22.60
CA GLU B 192 -2.21 -7.64 22.71
C GLU B 192 -1.42 -7.78 21.40
N PHE B 193 -0.90 -6.64 20.94
CA PHE B 193 -0.13 -6.54 19.70
C PHE B 193 1.17 -5.76 19.87
N ILE B 194 2.24 -6.28 19.26
CA ILE B 194 3.56 -5.65 19.31
C ILE B 194 3.65 -4.52 18.29
N THR B 195 4.25 -3.41 18.70
CA THR B 195 4.36 -2.28 17.81
C THR B 195 5.70 -1.57 17.94
N GLN B 196 6.02 -0.76 16.93
CA GLN B 196 7.25 0.01 16.91
C GLN B 196 6.91 1.49 17.07
N HIS B 197 5.62 1.77 17.16
CA HIS B 197 5.11 3.13 17.32
C HIS B 197 3.96 3.09 18.33
N THR B 198 4.00 3.97 19.32
CA THR B 198 2.94 4.01 20.32
C THR B 198 1.92 5.11 20.01
N ALA B 199 0.88 4.76 19.25
CA ALA B 199 -0.12 5.73 18.88
C ALA B 199 -1.53 5.21 19.01
N PHE B 200 -1.66 3.90 19.08
CA PHE B 200 -2.97 3.28 19.20
C PHE B 200 -3.32 2.97 20.64
N GLY B 201 -2.95 3.89 21.53
CA GLY B 201 -3.24 3.71 22.94
C GLY B 201 -4.73 3.79 23.25
N TYR B 202 -5.45 4.69 22.58
CA TYR B 202 -6.87 4.81 22.85
C TYR B 202 -7.67 3.69 22.21
N LEU B 203 -7.09 3.07 21.20
CA LEU B 203 -7.75 1.98 20.52
C LEU B 203 -7.67 0.78 21.45
N ALA B 204 -6.47 0.61 22.02
CA ALA B 204 -6.18 -0.49 22.93
C ALA B 204 -7.16 -0.55 24.07
N LYS B 205 -7.12 0.49 24.90
CA LYS B 205 -8.01 0.59 26.05
C LYS B 205 -9.46 0.41 25.63
N GLU B 206 -9.85 1.14 24.60
CA GLU B 206 -11.21 1.09 24.12
C GLU B 206 -11.76 -0.33 23.91
N TYR B 207 -10.87 -1.32 23.80
CA TYR B 207 -11.27 -2.70 23.57
C TYR B 207 -10.51 -3.72 24.42
N GLY B 208 -9.84 -3.23 25.46
CA GLY B 208 -9.09 -4.09 26.35
C GLY B 208 -7.76 -4.55 25.78
N LEU B 209 -7.63 -4.46 24.46
CA LEU B 209 -6.40 -4.88 23.78
C LEU B 209 -5.23 -4.18 24.45
N LYS B 210 -4.04 -4.75 24.30
CA LYS B 210 -2.87 -4.15 24.91
C LYS B 210 -1.75 -3.89 23.92
N GLN B 211 -1.55 -2.61 23.58
CA GLN B 211 -0.51 -2.18 22.66
C GLN B 211 0.82 -2.31 23.36
N VAL B 212 1.69 -3.18 22.87
CA VAL B 212 2.99 -3.36 23.48
C VAL B 212 4.10 -2.93 22.52
N PRO B 213 4.52 -1.65 22.60
CA PRO B 213 5.57 -1.12 21.73
C PRO B 213 6.96 -1.63 22.08
N ILE B 214 7.91 -1.47 21.17
CA ILE B 214 9.27 -1.93 21.41
C ILE B 214 10.18 -0.77 21.80
N ALA B 215 11.36 -0.70 21.16
CA ALA B 215 12.31 0.36 21.46
C ALA B 215 12.92 0.99 20.21
N GLY B 216 14.10 0.50 19.83
CA GLY B 216 14.76 1.05 18.65
C GLY B 216 14.36 0.29 17.40
N LEU B 217 13.07 0.03 17.25
CA LEU B 217 12.56 -0.69 16.11
C LEU B 217 11.98 0.29 15.09
N SER B 218 12.67 0.46 13.96
CA SER B 218 12.23 1.38 12.92
C SER B 218 11.82 0.68 11.62
N PRO B 219 10.92 1.31 10.86
CA PRO B 219 10.44 0.77 9.59
C PRO B 219 11.40 1.09 8.44
N ASP B 220 12.47 1.80 8.75
CA ASP B 220 13.46 2.17 7.73
C ASP B 220 14.87 1.96 8.27
N GLN B 221 14.97 1.67 9.55
CA GLN B 221 16.24 1.44 10.20
C GLN B 221 16.23 0.08 10.88
N GLU B 222 17.37 -0.60 10.87
CA GLU B 222 17.47 -1.90 11.53
C GLU B 222 17.54 -1.69 13.03
N PRO B 223 16.90 -2.58 13.81
CA PRO B 223 16.92 -2.47 15.27
C PRO B 223 18.31 -2.77 15.86
N SER B 224 18.89 -1.81 16.57
CA SER B 224 20.22 -1.99 17.18
C SER B 224 20.28 -3.30 17.97
N ALA B 225 21.49 -3.85 18.07
CA ALA B 225 21.69 -5.11 18.80
C ALA B 225 20.92 -5.12 20.13
N ALA B 226 20.92 -3.97 20.81
CA ALA B 226 20.22 -3.83 22.07
C ALA B 226 18.72 -4.08 21.94
N SER B 227 18.09 -3.34 21.02
CA SER B 227 16.66 -3.48 20.79
C SER B 227 16.33 -4.84 20.23
N LEU B 228 17.14 -5.29 19.28
CA LEU B 228 16.93 -6.59 18.66
C LEU B 228 17.11 -7.73 19.64
N ALA B 229 18.14 -7.64 20.48
CA ALA B 229 18.42 -8.66 21.48
C ALA B 229 17.34 -8.61 22.56
N LYS B 230 16.88 -7.41 22.87
CA LYS B 230 15.84 -7.24 23.88
C LYS B 230 14.56 -7.92 23.39
N LEU B 231 14.33 -7.86 22.09
CA LEU B 231 13.15 -8.45 21.47
C LEU B 231 13.43 -9.90 21.14
N LYS B 232 14.71 -10.25 21.12
CA LYS B 232 15.17 -11.61 20.79
C LYS B 232 14.33 -12.68 21.48
N THR B 233 14.60 -12.89 22.77
CA THR B 233 13.88 -13.89 23.54
C THR B 233 12.43 -13.51 23.80
N TYR B 234 12.10 -12.24 23.61
CA TYR B 234 10.74 -11.76 23.84
C TYR B 234 9.75 -12.41 22.86
N ALA B 235 10.25 -12.79 21.70
CA ALA B 235 9.44 -13.43 20.66
C ALA B 235 9.25 -14.93 20.93
N LYS B 236 10.13 -15.50 21.74
CA LYS B 236 10.05 -16.91 22.11
C LYS B 236 9.19 -17.08 23.37
N GLU B 237 9.37 -16.19 24.34
CA GLU B 237 8.62 -16.22 25.60
C GLU B 237 7.14 -15.84 25.45
N HIS B 238 6.80 -15.19 24.34
CA HIS B 238 5.42 -14.78 24.11
C HIS B 238 4.89 -15.25 22.75
N ASN B 239 5.80 -15.75 21.92
CA ASN B 239 5.44 -16.23 20.58
C ASN B 239 4.94 -15.07 19.70
N VAL B 240 5.75 -14.03 19.61
CA VAL B 240 5.42 -12.84 18.82
C VAL B 240 5.47 -13.13 17.32
N LYS B 241 4.30 -13.31 16.72
CA LYS B 241 4.18 -13.62 15.31
C LYS B 241 4.09 -12.39 14.41
N VAL B 242 3.64 -11.26 14.98
CA VAL B 242 3.51 -10.01 14.23
C VAL B 242 4.00 -8.78 14.97
N ILE B 243 4.49 -7.81 14.22
CA ILE B 243 4.98 -6.54 14.76
C ILE B 243 4.46 -5.43 13.86
N TYR B 244 3.63 -4.56 14.40
CA TYR B 244 3.07 -3.48 13.58
C TYR B 244 3.93 -2.23 13.53
N PHE B 245 3.94 -1.59 12.36
CA PHE B 245 4.73 -0.39 12.13
C PHE B 245 3.90 0.82 11.66
N GLU B 246 4.45 2.01 11.84
CA GLU B 246 3.77 3.20 11.44
C GLU B 246 3.39 3.05 9.97
N GLU B 247 4.27 2.41 9.22
CA GLU B 247 4.10 2.20 7.79
C GLU B 247 4.81 0.91 7.37
N ILE B 248 4.72 0.56 6.09
CA ILE B 248 5.36 -0.67 5.62
C ILE B 248 6.87 -0.62 5.82
N ALA B 249 7.42 -1.73 6.31
CA ALA B 249 8.85 -1.81 6.58
C ALA B 249 9.65 -2.01 5.31
N SER B 250 10.94 -1.66 5.36
CA SER B 250 11.81 -1.83 4.20
C SER B 250 12.29 -3.28 4.12
N SER B 251 12.76 -3.67 2.93
CA SER B 251 13.26 -5.03 2.71
C SER B 251 14.20 -5.36 3.85
N LYS B 252 15.24 -4.55 3.98
CA LYS B 252 16.28 -4.70 5.01
C LYS B 252 15.72 -4.98 6.41
N VAL B 253 14.62 -4.31 6.76
CA VAL B 253 14.01 -4.48 8.08
C VAL B 253 13.05 -5.65 8.14
N ALA B 254 12.01 -5.59 7.33
CA ALA B 254 11.02 -6.66 7.30
C ALA B 254 11.66 -8.05 7.18
N ASP B 255 12.80 -8.09 6.49
CA ASP B 255 13.54 -9.33 6.28
C ASP B 255 14.21 -9.79 7.57
N THR B 256 15.06 -8.93 8.13
CA THR B 256 15.79 -9.23 9.35
C THR B 256 14.87 -9.67 10.49
N LEU B 257 13.63 -9.21 10.46
CA LEU B 257 12.67 -9.56 11.51
C LEU B 257 12.14 -10.96 11.28
N ALA B 258 11.92 -11.30 10.01
CA ALA B 258 11.41 -12.60 9.61
C ALA B 258 12.47 -13.67 9.76
N SER B 259 13.65 -13.26 10.20
CA SER B 259 14.75 -14.19 10.40
C SER B 259 14.93 -14.49 11.89
N GLU B 260 15.81 -13.73 12.52
CA GLU B 260 16.09 -13.91 13.93
C GLU B 260 14.84 -13.97 14.83
N ILE B 261 13.81 -13.19 14.49
CA ILE B 261 12.59 -13.16 15.30
C ILE B 261 11.54 -14.16 14.79
N GLY B 262 11.45 -14.29 13.47
CA GLY B 262 10.49 -15.21 12.90
C GLY B 262 9.08 -14.65 12.94
N ALA B 263 8.99 -13.33 12.90
CA ALA B 263 7.71 -12.62 12.93
C ALA B 263 7.49 -11.84 11.63
N LYS B 264 6.23 -11.67 11.25
CA LYS B 264 5.86 -10.95 10.03
C LYS B 264 5.68 -9.46 10.35
N THR B 265 5.46 -8.65 9.33
CA THR B 265 5.26 -7.22 9.59
C THR B 265 3.96 -6.73 8.97
N GLU B 266 3.20 -5.95 9.74
CA GLU B 266 1.96 -5.36 9.27
C GLU B 266 1.93 -3.84 9.40
N VAL B 267 0.89 -3.23 8.85
CA VAL B 267 0.78 -1.78 8.86
C VAL B 267 0.27 -1.17 10.14
N LEU B 268 -1.04 -0.97 10.24
CA LEU B 268 -1.64 -0.34 11.43
C LEU B 268 -1.25 1.14 11.46
N ASN B 269 -1.75 1.88 10.47
CA ASN B 269 -1.42 3.29 10.33
C ASN B 269 -2.39 4.30 10.92
N THR B 270 -1.79 5.42 11.28
CA THR B 270 -2.51 6.54 11.85
C THR B 270 -2.94 7.39 10.69
N LEU B 271 -4.16 7.90 10.74
CA LEU B 271 -4.59 8.73 9.63
C LEU B 271 -3.71 9.96 9.41
N GLU B 272 -2.44 9.89 9.74
CA GLU B 272 -1.56 11.03 9.49
C GLU B 272 -0.94 10.82 8.11
N GLY B 273 0.11 10.00 8.11
CA GLY B 273 0.86 9.69 6.91
C GLY B 273 0.19 8.94 5.76
N LEU B 274 -0.76 9.57 5.09
CA LEU B 274 -1.45 8.96 3.94
C LEU B 274 -0.77 9.37 2.62
N SER B 275 -0.45 8.42 1.76
CA SER B 275 0.19 8.74 0.49
C SER B 275 -0.68 9.66 -0.36
N LYS B 276 -0.08 10.26 -1.38
CA LYS B 276 -0.82 11.18 -2.24
C LYS B 276 -1.91 10.41 -3.00
N GLU B 277 -1.60 9.17 -3.39
CA GLU B 277 -2.55 8.33 -4.11
C GLU B 277 -3.78 8.01 -3.25
N GLU B 278 -3.54 7.70 -1.99
CA GLU B 278 -4.62 7.39 -1.06
C GLU B 278 -5.54 8.59 -1.01
N GLN B 279 -4.96 9.78 -1.11
CA GLN B 279 -5.74 11.00 -1.12
C GLN B 279 -6.49 11.02 -2.44
N ASP B 280 -5.74 10.92 -3.53
CA ASP B 280 -6.33 10.92 -4.86
C ASP B 280 -7.52 9.95 -4.92
N LYS B 281 -7.38 8.83 -4.21
CA LYS B 281 -8.40 7.78 -4.13
C LYS B 281 -9.50 8.12 -3.12
N GLY B 282 -9.18 9.01 -2.17
CA GLY B 282 -10.13 9.40 -1.15
C GLY B 282 -10.20 8.49 0.06
N LEU B 283 -9.17 7.70 0.29
CA LEU B 283 -9.20 6.80 1.43
C LEU B 283 -9.41 7.57 2.73
N GLY B 284 -10.61 7.43 3.29
CA GLY B 284 -10.94 8.10 4.53
C GLY B 284 -10.69 7.32 5.79
N TYR B 285 -11.23 7.86 6.89
CA TYR B 285 -11.09 7.28 8.22
C TYR B 285 -11.70 5.88 8.28
N ILE B 286 -12.91 5.73 7.77
CA ILE B 286 -13.58 4.42 7.79
C ILE B 286 -12.76 3.33 7.09
N ASP B 287 -12.27 3.62 5.88
CA ASP B 287 -11.48 2.64 5.15
C ASP B 287 -10.21 2.24 5.89
N ILE B 288 -9.38 3.22 6.20
CA ILE B 288 -8.14 2.98 6.91
C ILE B 288 -8.37 2.29 8.26
N LYS B 290 -10.77 0.13 8.89
CA LYS B 290 -11.14 -1.24 8.56
C LYS B 290 -9.84 -2.04 8.32
N GLN B 291 -8.97 -1.50 7.47
CA GLN B 291 -7.69 -2.11 7.18
C GLN B 291 -6.96 -2.39 8.47
N ASN B 292 -7.05 -1.44 9.40
CA ASN B 292 -6.38 -1.60 10.69
C ASN B 292 -6.95 -2.79 11.44
N LEU B 293 -8.27 -2.96 11.33
CA LEU B 293 -8.95 -4.09 11.98
C LEU B 293 -8.36 -5.38 11.39
N ASP B 294 -8.33 -5.47 10.06
CA ASP B 294 -7.75 -6.64 9.40
C ASP B 294 -6.37 -6.92 10.00
N ALA B 295 -5.50 -5.92 9.92
CA ALA B 295 -4.15 -6.07 10.44
C ALA B 295 -4.14 -6.53 11.90
N LEU B 296 -5.08 -6.05 12.71
CA LEU B 296 -5.16 -6.45 14.12
C LEU B 296 -5.49 -7.94 14.29
N LYS B 297 -6.49 -8.42 13.56
CA LYS B 297 -6.88 -9.81 13.65
C LYS B 297 -5.66 -10.73 13.56
N ASP B 298 -4.74 -10.39 12.65
CA ASP B 298 -3.54 -11.18 12.48
C ASP B 298 -2.63 -11.11 13.70
N SER B 299 -3.19 -11.38 14.87
CA SER B 299 -2.42 -11.36 16.12
C SER B 299 -3.35 -11.56 17.32
N LEU B 300 -4.56 -11.02 17.21
CA LEU B 300 -5.55 -11.14 18.27
C LEU B 300 -6.45 -12.35 18.05
N LEU B 301 -6.85 -12.54 16.79
CA LEU B 301 -7.71 -13.66 16.42
C LEU B 301 -6.89 -14.96 16.47
#